data_7HKG
#
_entry.id   7HKG
#
_cell.length_a   82.757
_cell.length_b   116.588
_cell.length_c   148.395
_cell.angle_alpha   90.00
_cell.angle_beta   90.00
_cell.angle_gamma   90.00
#
_symmetry.space_group_name_H-M   'I 2 2 2'
#
loop_
_entity.id
_entity.type
_entity.pdbx_description
1 polymer 'Genome polyprotein'
2 non-polymer 'ZINC ION'
3 non-polymer '2-(N-MORPHOLINO)-ETHANESULFONIC ACID'
4 non-polymer 'DIMETHYL SULFOXIDE'
5 non-polymer DI(HYDROXYETHYL)ETHER
6 non-polymer 'PHOSPHATE ION'
7 non-polymer 1-(4-fluorobenzene-1-sulfonyl)piperazine
8 water water
#
_entity_poly.entity_id   1
_entity_poly.type   'polypeptide(L)'
_entity_poly.pdbx_seq_one_letter_code
;GPGIESETPNLDIIGKRIEKIKQEHETSWHYDQDHPYKTWAYHGSYETKQTGSASSMVNGVVRLLTKPWDIIPMVTQMAM
TDTTPFGQQRVFKEKVDTRTQEPKEGTKKLMKITAEWLWKELGKKKTPRMCTREEFTRKVRSNAALGAIFTDENKWKSAR
EAVEDSGFWELVDKERNLHLEGKCETCVYNMMGKREKKLGEFGKAKGSRAIWYMWLGARFLEFEALGFLNEDHWFSRENS
LSGVEGEGLHKLGYILRDVSKKEGGAMYADDTAGWDTRITLEDLKNEEMVTNHMEGEHKKLAEAIFKLTYQNKVVRVQRP
TPRGTVMDIISRRDQRGSGQVVTYGLNTFTNMEAQLIRQMEGEGVFKSIQHLTVTEEIAVKNWLVRVGRERLSRMAISGD
DCVVKPLDDRFASALTALNDMGKVRKDIQQWEPSRGWNDWTQVPFCSHHFHELIMKDGRVLVVPCRNQDELIGRARISQG
AGWSLRETACLGKSYAQMWSLMYFHRRDLRLAANAICSAVPSHWVPTSRTTWSIHATHEWMTTEDMLTVWNRVWIQENPW
MEDKTPVESWEEIPYLGKREDQWCGSLIGLTSRATWAKNIQTAINQVRSLIGNEEYTDYMPSMKRFRREEEEAGVLW
;
_entity_poly.pdbx_strand_id   A
#
loop_
_chem_comp.id
_chem_comp.type
_chem_comp.name
_chem_comp.formula
A1BDK non-polymer 1-(4-fluorobenzene-1-sulfonyl)piperazine 'C10 H13 F N2 O2 S'
DMS non-polymer 'DIMETHYL SULFOXIDE' 'C2 H6 O S'
MES non-polymer '2-(N-MORPHOLINO)-ETHANESULFONIC ACID' 'C6 H13 N O4 S'
PEG non-polymer DI(HYDROXYETHYL)ETHER 'C4 H10 O3'
PO4 non-polymer 'PHOSPHATE ION' 'O4 P -3'
ZN non-polymer 'ZINC ION' 'Zn 2'
#
# COMPACT_ATOMS: atom_id res chain seq x y z
N ASN A 10 3.56 -4.85 31.28
CA ASN A 10 4.43 -5.99 30.84
C ASN A 10 3.63 -7.28 31.04
N LEU A 11 4.17 -8.25 31.81
CA LEU A 11 3.81 -9.70 31.71
C LEU A 11 2.36 -9.96 32.17
N ASP A 12 1.73 -9.01 32.83
CA ASP A 12 0.30 -9.10 33.21
C ASP A 12 -0.60 -8.89 31.99
N ILE A 13 -0.09 -8.30 30.89
CA ILE A 13 -0.89 -8.07 29.64
C ILE A 13 -0.57 -9.16 28.61
N ILE A 14 0.68 -9.63 28.54
CA ILE A 14 1.14 -10.62 27.52
C ILE A 14 1.24 -12.06 28.08
N GLY A 15 1.32 -12.23 29.41
CA GLY A 15 1.55 -13.53 30.09
C GLY A 15 0.62 -14.63 29.61
N LYS A 16 -0.69 -14.35 29.59
CA LYS A 16 -1.78 -15.30 29.27
C LYS A 16 -1.57 -15.86 27.85
N ARG A 17 -1.23 -15.00 26.88
CA ARG A 17 -0.91 -15.44 25.49
C ARG A 17 0.30 -16.37 25.54
N ILE A 18 1.32 -16.00 26.30
CA ILE A 18 2.61 -16.75 26.43
C ILE A 18 2.30 -18.07 27.15
N GLU A 19 1.68 -17.99 28.34
CA GLU A 19 1.17 -19.17 29.11
C GLU A 19 0.53 -20.17 28.16
N LYS A 20 -0.49 -19.74 27.40
CA LYS A 20 -1.31 -20.61 26.50
C LYS A 20 -0.42 -21.30 25.46
N ILE A 21 0.66 -20.63 25.01
CA ILE A 21 1.56 -21.19 23.95
C ILE A 21 2.50 -22.22 24.61
N LYS A 22 3.01 -21.92 25.81
CA LYS A 22 3.80 -22.86 26.65
C LYS A 22 3.13 -24.25 26.60
N GLN A 23 1.85 -24.31 26.98
CA GLN A 23 1.08 -25.57 27.21
C GLN A 23 0.82 -26.36 25.92
N GLU A 24 0.61 -25.71 24.77
CA GLU A 24 0.35 -26.43 23.49
C GLU A 24 1.62 -27.17 23.03
N HIS A 25 2.79 -26.75 23.53
CA HIS A 25 4.13 -27.25 23.14
C HIS A 25 4.96 -27.54 24.42
N GLU A 26 4.35 -28.21 25.41
CA GLU A 26 4.96 -28.61 26.71
C GLU A 26 6.06 -29.65 26.48
N THR A 27 5.95 -30.44 25.41
CA THR A 27 6.93 -31.49 25.01
C THR A 27 8.17 -30.84 24.36
N SER A 28 8.32 -29.51 24.38
CA SER A 28 9.40 -28.79 23.64
C SER A 28 9.87 -27.49 24.30
N TRP A 29 9.27 -27.01 25.39
CA TRP A 29 9.56 -25.65 25.93
C TRP A 29 10.95 -25.63 26.58
N HIS A 30 11.78 -24.64 26.22
CA HIS A 30 13.16 -24.46 26.74
C HIS A 30 13.59 -22.99 26.61
N TYR A 31 13.89 -22.32 27.72
CA TYR A 31 14.52 -20.98 27.71
C TYR A 31 15.92 -21.09 27.11
N ASP A 32 16.00 -21.18 25.78
CA ASP A 32 17.27 -21.22 24.99
C ASP A 32 18.18 -20.07 25.45
N GLN A 33 19.50 -20.30 25.42
CA GLN A 33 20.55 -19.36 25.91
C GLN A 33 21.23 -18.67 24.71
N ASP A 34 21.19 -19.29 23.52
CA ASP A 34 21.84 -18.80 22.27
C ASP A 34 20.85 -17.95 21.45
N HIS A 35 19.90 -17.25 22.08
CA HIS A 35 18.86 -16.42 21.40
C HIS A 35 19.54 -15.17 20.83
N PRO A 36 19.31 -14.83 19.54
CA PRO A 36 19.94 -13.67 18.90
C PRO A 36 19.29 -12.29 19.11
N TYR A 37 18.28 -12.19 19.99
CA TYR A 37 17.45 -10.97 20.17
C TYR A 37 18.15 -10.03 21.14
N LYS A 38 18.33 -8.77 20.72
CA LYS A 38 18.85 -7.66 21.57
C LYS A 38 17.70 -6.74 22.01
N THR A 39 16.80 -6.36 21.09
CA THR A 39 15.80 -5.27 21.33
C THR A 39 14.40 -5.85 21.60
N TRP A 40 14.11 -7.05 21.13
CA TRP A 40 12.91 -7.83 21.52
C TRP A 40 13.17 -8.49 22.88
N ALA A 41 12.18 -8.46 23.79
CA ALA A 41 12.11 -9.33 24.98
C ALA A 41 11.79 -10.76 24.54
N TYR A 42 12.57 -11.72 25.03
CA TYR A 42 12.51 -13.17 24.68
C TYR A 42 11.83 -13.92 25.83
N HIS A 43 11.14 -15.02 25.51
CA HIS A 43 10.35 -15.71 26.55
C HIS A 43 10.58 -17.23 26.52
N GLY A 44 10.89 -17.80 25.37
CA GLY A 44 11.10 -19.25 25.22
C GLY A 44 10.99 -19.68 23.79
N SER A 45 11.32 -20.94 23.51
CA SER A 45 11.31 -21.58 22.17
C SER A 45 10.59 -22.91 22.25
N TYR A 46 10.27 -23.51 21.09
CA TYR A 46 9.55 -24.80 20.93
C TYR A 46 9.77 -25.31 19.49
N GLU A 47 9.47 -26.58 19.23
CA GLU A 47 9.86 -27.33 18.00
C GLU A 47 8.82 -27.12 16.88
N THR A 48 9.29 -26.90 15.65
CA THR A 48 8.49 -26.84 14.38
C THR A 48 9.40 -27.25 13.24
N LYS A 49 8.91 -27.36 11.99
CA LYS A 49 9.73 -27.78 10.82
C LYS A 49 8.97 -27.54 9.51
N GLN A 50 9.13 -26.37 8.89
CA GLN A 50 8.55 -26.01 7.57
C GLN A 50 9.21 -24.71 7.08
N THR A 51 8.67 -24.07 6.03
CA THR A 51 9.16 -22.79 5.44
C THR A 51 8.90 -21.66 6.45
N ALA A 54 7.24 -20.43 -0.30
CA ALA A 54 6.34 -19.96 -1.36
C ALA A 54 7.07 -18.95 -2.26
N SER A 55 7.88 -19.44 -3.19
CA SER A 55 8.70 -18.63 -4.15
C SER A 55 7.80 -18.02 -5.24
N SER A 56 8.35 -17.13 -6.05
CA SER A 56 7.65 -16.46 -7.17
C SER A 56 7.68 -17.38 -8.39
N MET A 57 6.51 -17.67 -8.96
CA MET A 57 6.33 -18.59 -10.12
C MET A 57 6.16 -17.74 -11.40
N VAL A 58 6.57 -18.22 -12.56
CA VAL A 58 6.42 -17.44 -13.81
C VAL A 58 5.03 -17.64 -14.42
N ASN A 59 4.38 -16.55 -14.87
CA ASN A 59 3.15 -16.57 -15.70
C ASN A 59 3.53 -16.85 -17.18
N GLY A 60 3.32 -18.07 -17.64
CA GLY A 60 3.65 -18.53 -19.00
C GLY A 60 2.93 -17.81 -20.11
N VAL A 61 1.65 -17.42 -19.89
CA VAL A 61 0.89 -16.65 -20.89
C VAL A 61 1.57 -15.30 -21.13
N VAL A 62 1.90 -14.55 -20.08
CA VAL A 62 2.54 -13.21 -20.24
C VAL A 62 3.96 -13.42 -20.82
N ARG A 63 4.72 -14.39 -20.33
CA ARG A 63 6.11 -14.57 -20.81
C ARG A 63 6.10 -14.93 -22.30
N LEU A 64 5.20 -15.81 -22.76
CA LEU A 64 5.23 -16.22 -24.18
C LEU A 64 4.88 -15.03 -25.08
N LEU A 65 4.16 -14.02 -24.59
CA LEU A 65 3.77 -12.81 -25.39
C LEU A 65 4.71 -11.62 -25.17
N THR A 66 5.79 -11.80 -24.41
CA THR A 66 6.80 -10.74 -24.18
C THR A 66 8.21 -11.29 -24.48
N LYS A 67 8.41 -11.97 -25.59
CA LYS A 67 9.67 -12.68 -25.89
C LYS A 67 10.89 -11.76 -25.86
N PRO A 68 10.88 -10.52 -26.37
CA PRO A 68 12.09 -9.69 -26.39
C PRO A 68 12.69 -9.46 -24.98
N TRP A 69 11.84 -9.53 -23.96
CA TRP A 69 12.24 -9.31 -22.54
C TRP A 69 12.88 -10.58 -21.95
N ASP A 70 12.90 -11.70 -22.68
CA ASP A 70 13.54 -12.96 -22.19
C ASP A 70 15.07 -12.79 -22.02
N ILE A 71 15.66 -11.78 -22.64
CA ILE A 71 17.13 -11.55 -22.63
C ILE A 71 17.46 -10.26 -21.89
N ILE A 72 16.49 -9.67 -21.19
CA ILE A 72 16.69 -8.40 -20.43
C ILE A 72 16.81 -8.79 -18.97
N PRO A 73 18.02 -8.74 -18.36
CA PRO A 73 18.21 -9.17 -16.98
C PRO A 73 17.39 -8.40 -15.95
N MET A 74 17.11 -7.12 -16.16
CA MET A 74 16.26 -6.40 -15.18
C MET A 74 14.87 -7.05 -15.12
N VAL A 75 14.39 -7.66 -16.21
CA VAL A 75 13.08 -8.38 -16.19
C VAL A 75 13.28 -9.79 -15.62
N THR A 76 14.22 -10.55 -16.17
CA THR A 76 14.36 -12.01 -15.90
C THR A 76 14.79 -12.27 -14.45
N GLN A 77 15.62 -11.40 -13.87
CA GLN A 77 16.13 -11.56 -12.48
C GLN A 77 15.01 -11.33 -11.46
N MET A 78 13.96 -10.57 -11.81
CA MET A 78 12.82 -10.29 -10.89
C MET A 78 12.11 -11.58 -10.48
N ALA A 79 12.12 -12.63 -11.31
CA ALA A 79 11.42 -13.91 -11.03
C ALA A 79 12.33 -14.84 -10.20
N MET A 80 13.61 -14.55 -9.99
CA MET A 80 14.52 -15.53 -9.31
C MET A 80 14.46 -15.35 -7.78
N THR A 81 14.89 -16.38 -7.02
CA THR A 81 15.25 -16.28 -5.58
C THR A 81 14.15 -16.79 -4.67
N PHE A 92 15.30 -6.09 5.70
CA PHE A 92 16.34 -6.32 6.74
C PHE A 92 15.64 -6.77 8.04
N LYS A 93 15.93 -7.99 8.52
CA LYS A 93 15.44 -8.51 9.83
C LYS A 93 16.44 -8.13 10.92
N GLU A 94 17.53 -7.43 10.54
CA GLU A 94 18.47 -6.71 11.43
C GLU A 94 18.13 -5.21 11.40
N LYS A 95 16.91 -4.87 10.95
CA LYS A 95 16.23 -3.56 11.15
C LYS A 95 15.01 -3.74 12.07
N VAL A 96 14.37 -4.91 12.07
CA VAL A 96 13.28 -5.24 13.04
C VAL A 96 13.91 -5.32 14.46
N ASP A 97 15.12 -5.87 14.59
CA ASP A 97 15.86 -5.98 15.89
C ASP A 97 16.72 -4.72 16.09
N THR A 98 16.14 -3.52 15.97
CA THR A 98 16.72 -2.21 16.35
C THR A 98 15.78 -1.52 17.35
N ARG A 99 16.20 -0.39 17.92
CA ARG A 99 15.43 0.38 18.92
C ARG A 99 15.39 1.86 18.49
N THR A 100 14.28 2.56 18.78
CA THR A 100 14.15 4.03 18.59
C THR A 100 14.20 4.69 19.97
N GLN A 101 14.93 5.80 20.10
CA GLN A 101 15.06 6.57 21.36
C GLN A 101 13.76 7.33 21.65
N GLU A 102 13.47 7.58 22.92
CA GLU A 102 12.34 8.43 23.39
C GLU A 102 12.51 9.84 22.83
N PRO A 103 11.50 10.41 22.13
CA PRO A 103 11.58 11.82 21.72
C PRO A 103 11.66 12.73 22.95
N LYS A 104 12.17 13.96 22.76
CA LYS A 104 12.28 14.98 23.84
C LYS A 104 10.89 15.55 24.18
N GLU A 105 10.80 16.34 25.24
CA GLU A 105 9.51 16.79 25.83
C GLU A 105 8.80 17.75 24.87
N GLY A 106 9.54 18.67 24.23
CA GLY A 106 9.02 19.57 23.21
C GLY A 106 8.42 18.79 22.04
N THR A 107 9.11 17.76 21.54
CA THR A 107 8.62 16.90 20.42
C THR A 107 7.32 16.19 20.83
N LYS A 108 7.32 15.51 21.98
CA LYS A 108 6.12 14.82 22.52
C LYS A 108 4.93 15.79 22.61
N LYS A 109 5.13 17.02 23.09
CA LYS A 109 4.03 18.02 23.14
C LYS A 109 3.54 18.36 21.73
N LEU A 110 4.45 18.63 20.77
CA LEU A 110 4.09 18.98 19.37
C LEU A 110 3.24 17.85 18.78
N MET A 111 3.65 16.62 19.00
CA MET A 111 2.95 15.43 18.45
C MET A 111 1.57 15.29 19.09
N LYS A 112 1.42 15.56 20.40
CA LYS A 112 0.13 15.36 21.11
C LYS A 112 -0.83 16.43 20.64
N ILE A 113 -0.39 17.69 20.59
CA ILE A 113 -1.24 18.82 20.12
C ILE A 113 -1.70 18.55 18.68
N THR A 114 -0.76 18.18 17.80
CA THR A 114 -1.05 17.99 16.36
C THR A 114 -2.02 16.81 16.18
N ALA A 115 -1.76 15.71 16.88
CA ALA A 115 -2.60 14.50 16.79
C ALA A 115 -4.02 14.77 17.29
N GLU A 116 -4.16 15.53 18.39
CA GLU A 116 -5.50 15.91 18.94
C GLU A 116 -6.25 16.69 17.86
N TRP A 117 -5.60 17.72 17.28
CA TRP A 117 -6.19 18.56 16.23
C TRP A 117 -6.57 17.68 15.00
N LEU A 118 -5.69 16.76 14.58
CA LEU A 118 -5.92 16.02 13.31
C LEU A 118 -7.10 15.07 13.47
N TRP A 119 -7.20 14.32 14.56
CA TRP A 119 -8.39 13.43 14.77
C TRP A 119 -9.68 14.25 14.75
N LYS A 120 -9.70 15.44 15.36
CA LYS A 120 -10.89 16.32 15.30
C LYS A 120 -11.21 16.69 13.86
N GLU A 121 -10.23 17.11 13.07
CA GLU A 121 -10.49 17.48 11.65
C GLU A 121 -11.02 16.28 10.91
N LEU A 122 -10.39 15.10 11.10
CA LEU A 122 -10.78 13.91 10.28
C LEU A 122 -12.20 13.49 10.72
N GLY A 123 -12.54 13.76 11.97
CA GLY A 123 -13.83 13.38 12.60
C GLY A 123 -14.98 14.38 12.34
N LYS A 124 -14.73 15.58 11.81
CA LYS A 124 -15.81 16.60 11.62
C LYS A 124 -16.96 16.06 10.76
N LYS A 125 -16.69 15.37 9.66
CA LYS A 125 -17.73 14.92 8.72
C LYS A 125 -17.84 13.40 8.66
N LYS A 126 -17.35 12.67 9.67
CA LYS A 126 -17.38 11.19 9.71
C LYS A 126 -17.79 10.76 11.11
N THR A 127 -18.33 9.55 11.24
CA THR A 127 -18.78 8.98 12.54
C THR A 127 -18.13 7.62 12.75
N PRO A 128 -17.25 7.45 13.75
CA PRO A 128 -16.68 6.16 14.03
C PRO A 128 -17.80 5.13 14.34
N ARG A 129 -17.60 3.90 13.92
CA ARG A 129 -18.62 2.82 14.05
C ARG A 129 -17.95 1.46 13.89
N MET A 130 -18.56 0.41 14.45
CA MET A 130 -18.04 -0.97 14.33
C MET A 130 -18.35 -1.51 12.96
N CYS A 131 -17.42 -2.29 12.42
CA CYS A 131 -17.65 -3.06 11.19
C CYS A 131 -18.24 -4.41 11.61
N THR A 132 -18.96 -5.08 10.71
CA THR A 132 -19.89 -6.18 11.05
C THR A 132 -19.30 -7.53 10.63
N ARG A 133 -19.68 -8.59 11.35
CA ARG A 133 -19.48 -10.00 10.93
C ARG A 133 -19.86 -10.11 9.46
N GLU A 134 -20.97 -9.48 9.08
CA GLU A 134 -21.52 -9.52 7.71
C GLU A 134 -20.52 -8.90 6.73
N GLU A 135 -20.02 -7.69 7.01
CA GLU A 135 -18.99 -6.99 6.19
C GLU A 135 -17.69 -7.82 6.13
N PHE A 136 -17.29 -8.41 7.26
CA PHE A 136 -16.07 -9.28 7.33
C PHE A 136 -16.30 -10.52 6.46
N THR A 137 -17.40 -11.23 6.72
CA THR A 137 -17.83 -12.44 5.98
C THR A 137 -17.87 -12.15 4.48
N ARG A 138 -18.34 -10.96 4.09
CA ARG A 138 -18.42 -10.58 2.65
C ARG A 138 -17.01 -10.35 2.12
N LYS A 139 -16.14 -9.71 2.91
CA LYS A 139 -14.73 -9.46 2.53
C LYS A 139 -14.04 -10.80 2.23
N VAL A 140 -14.20 -11.80 3.11
CA VAL A 140 -13.49 -13.12 2.99
C VAL A 140 -14.02 -13.85 1.75
N ARG A 141 -15.31 -13.67 1.42
CA ARG A 141 -15.99 -14.35 0.28
C ARG A 141 -15.78 -13.57 -1.03
N SER A 142 -14.78 -12.69 -1.11
CA SER A 142 -14.44 -11.95 -2.35
C SER A 142 -12.95 -11.56 -2.37
N ASN A 143 -12.10 -12.35 -1.70
CA ASN A 143 -10.61 -12.30 -1.83
C ASN A 143 -10.05 -10.90 -1.55
N ALA A 144 -9.93 -10.53 -0.27
CA ALA A 144 -9.09 -9.40 0.21
C ALA A 144 -7.91 -10.01 0.99
N ALA A 145 -6.70 -9.52 0.75
CA ALA A 145 -5.46 -9.97 1.44
C ALA A 145 -5.50 -9.48 2.90
N LEU A 146 -6.20 -10.21 3.78
CA LEU A 146 -6.42 -9.83 5.20
C LEU A 146 -5.21 -10.26 6.06
N GLY A 147 -4.30 -11.05 5.50
CA GLY A 147 -3.06 -11.50 6.17
C GLY A 147 -3.35 -12.41 7.36
N ALA A 148 -4.06 -13.52 7.12
CA ALA A 148 -4.43 -14.55 8.13
C ALA A 148 -3.51 -15.78 7.97
N ILE A 149 -3.77 -16.86 8.75
CA ILE A 149 -3.01 -18.15 8.71
C ILE A 149 -3.99 -19.30 8.41
N PHE A 150 -3.48 -20.46 7.95
CA PHE A 150 -4.27 -21.66 7.60
C PHE A 150 -4.96 -22.23 8.86
N ASN A 154 -4.22 -25.02 12.51
CA ASN A 154 -5.18 -25.10 11.37
C ASN A 154 -6.34 -26.02 11.76
N LYS A 155 -7.48 -25.43 12.15
CA LYS A 155 -8.75 -26.11 12.53
C LYS A 155 -9.79 -25.96 11.40
N TRP A 156 -9.59 -24.99 10.49
CA TRP A 156 -10.28 -24.83 9.18
C TRP A 156 -9.23 -24.67 8.09
N LYS A 157 -9.54 -25.08 6.86
CA LYS A 157 -8.62 -24.98 5.69
C LYS A 157 -8.35 -23.50 5.38
N SER A 158 -9.36 -22.81 4.84
CA SER A 158 -9.28 -21.40 4.37
C SER A 158 -10.09 -20.50 5.30
N ALA A 159 -10.07 -19.19 5.01
CA ALA A 159 -10.91 -18.16 5.65
C ALA A 159 -12.39 -18.43 5.35
N ARG A 160 -12.71 -18.75 4.09
CA ARG A 160 -14.07 -18.99 3.58
C ARG A 160 -14.82 -19.98 4.49
N GLU A 161 -14.15 -21.02 5.00
CA GLU A 161 -14.77 -22.14 5.77
C GLU A 161 -14.97 -21.76 7.25
N ALA A 162 -13.99 -21.09 7.87
CA ALA A 162 -14.04 -20.64 9.28
C ALA A 162 -15.26 -19.73 9.49
N VAL A 163 -15.51 -18.87 8.50
CA VAL A 163 -16.54 -17.79 8.51
C VAL A 163 -17.94 -18.44 8.47
N GLU A 164 -18.08 -19.61 7.83
CA GLU A 164 -19.36 -20.34 7.67
C GLU A 164 -19.46 -21.46 8.72
N ASP A 165 -19.10 -21.19 9.98
CA ASP A 165 -19.03 -22.19 11.07
C ASP A 165 -19.13 -21.50 12.43
N SER A 166 -20.22 -21.74 13.15
CA SER A 166 -20.59 -21.06 14.41
C SER A 166 -19.58 -21.35 15.53
N GLY A 167 -18.71 -22.36 15.34
CA GLY A 167 -17.63 -22.72 16.27
C GLY A 167 -16.56 -21.64 16.32
N PHE A 168 -16.07 -21.24 15.14
CA PHE A 168 -15.20 -20.05 14.92
C PHE A 168 -15.77 -18.87 15.71
N TRP A 169 -17.01 -18.45 15.41
CA TRP A 169 -17.62 -17.23 15.99
C TRP A 169 -17.71 -17.36 17.52
N GLU A 170 -17.78 -18.58 18.08
CA GLU A 170 -17.77 -18.79 19.56
C GLU A 170 -16.35 -18.53 20.08
N LEU A 171 -15.32 -18.88 19.30
CA LEU A 171 -13.90 -18.57 19.65
C LEU A 171 -13.74 -17.04 19.66
N VAL A 172 -14.20 -16.40 18.58
CA VAL A 172 -14.29 -14.92 18.44
C VAL A 172 -15.02 -14.34 19.66
N ASP A 173 -16.23 -14.82 19.95
CA ASP A 173 -17.02 -14.40 21.14
C ASP A 173 -16.14 -14.49 22.40
N LYS A 174 -15.44 -15.61 22.61
CA LYS A 174 -14.62 -15.78 23.84
C LYS A 174 -13.59 -14.64 23.91
N GLU A 175 -12.84 -14.40 22.82
CA GLU A 175 -11.79 -13.35 22.81
C GLU A 175 -12.44 -11.99 23.05
N ARG A 176 -13.56 -11.74 22.38
CA ARG A 176 -14.28 -10.44 22.42
C ARG A 176 -14.59 -10.10 23.88
N ASN A 177 -15.15 -11.05 24.65
CA ASN A 177 -15.51 -10.85 26.07
C ASN A 177 -14.24 -10.66 26.89
N LEU A 178 -13.16 -11.39 26.58
CA LEU A 178 -11.83 -11.16 27.22
C LEU A 178 -11.34 -9.73 26.96
N HIS A 179 -11.48 -9.21 25.73
CA HIS A 179 -11.11 -7.81 25.38
C HIS A 179 -11.94 -6.78 26.20
N LEU A 180 -13.27 -6.95 26.27
CA LEU A 180 -14.17 -6.08 27.11
C LEU A 180 -13.71 -6.13 28.57
N GLU A 181 -13.19 -7.28 29.00
CA GLU A 181 -12.64 -7.52 30.36
C GLU A 181 -11.21 -6.95 30.47
N GLY A 182 -10.62 -6.44 29.38
CA GLY A 182 -9.29 -5.80 29.37
C GLY A 182 -8.14 -6.81 29.25
N LYS A 183 -8.40 -8.00 28.70
CA LYS A 183 -7.46 -9.15 28.69
C LYS A 183 -7.41 -9.77 27.28
N CYS A 184 -6.35 -10.52 26.96
CA CYS A 184 -6.11 -11.13 25.62
C CYS A 184 -5.53 -12.54 25.80
N GLU A 185 -5.99 -13.52 25.02
CA GLU A 185 -5.52 -14.93 25.10
C GLU A 185 -4.92 -15.40 23.76
N THR A 186 -5.48 -15.00 22.61
CA THR A 186 -5.16 -15.64 21.31
C THR A 186 -4.65 -14.62 20.27
N CYS A 187 -4.53 -13.33 20.57
CA CYS A 187 -4.12 -12.28 19.58
C CYS A 187 -2.58 -12.21 19.51
N VAL A 188 -1.99 -13.10 18.71
CA VAL A 188 -0.51 -13.33 18.60
C VAL A 188 -0.07 -13.22 17.14
N TYR A 189 1.01 -12.47 16.89
CA TYR A 189 1.55 -12.27 15.52
C TYR A 189 2.47 -13.44 15.14
N ASN A 190 2.48 -13.79 13.85
CA ASN A 190 3.45 -14.73 13.22
C ASN A 190 4.25 -13.97 12.16
N MET A 191 5.58 -13.86 12.34
CA MET A 191 6.46 -13.00 11.49
C MET A 191 6.90 -13.78 10.25
N MET A 192 7.23 -13.07 9.17
CA MET A 192 7.67 -13.62 7.85
C MET A 192 8.11 -12.48 6.92
N SER A 208 13.52 -4.93 2.77
CA SER A 208 12.87 -3.89 3.61
C SER A 208 11.37 -4.19 3.78
N ARG A 209 11.05 -5.43 4.17
CA ARG A 209 9.65 -5.91 4.42
C ARG A 209 9.63 -6.86 5.62
N ALA A 210 8.47 -6.97 6.27
CA ALA A 210 8.17 -7.93 7.36
C ALA A 210 6.66 -7.95 7.59
N ILE A 211 5.98 -9.03 7.20
CA ILE A 211 4.48 -9.15 7.24
C ILE A 211 4.10 -10.02 8.44
N TRP A 212 3.25 -9.49 9.30
CA TRP A 212 2.82 -10.09 10.59
C TRP A 212 1.42 -10.66 10.41
N TYR A 213 1.31 -11.92 9.99
CA TYR A 213 0.04 -12.68 9.86
C TYR A 213 -0.53 -12.94 11.27
N MET A 214 -1.85 -12.95 11.40
CA MET A 214 -2.58 -13.30 12.66
C MET A 214 -3.64 -14.34 12.32
N TRP A 215 -4.20 -15.04 13.31
CA TRP A 215 -5.35 -15.94 13.05
C TRP A 215 -6.59 -15.08 12.71
N LEU A 216 -7.45 -15.61 11.83
CA LEU A 216 -8.60 -14.87 11.24
C LEU A 216 -9.43 -14.20 12.35
N GLY A 217 -9.57 -14.86 13.50
CA GLY A 217 -10.32 -14.35 14.66
C GLY A 217 -9.78 -13.03 15.20
N ALA A 218 -8.45 -12.93 15.40
CA ALA A 218 -7.77 -11.69 15.85
C ALA A 218 -7.95 -10.59 14.80
N ARG A 219 -7.88 -10.95 13.51
CA ARG A 219 -8.07 -10.03 12.36
C ARG A 219 -9.52 -9.51 12.40
N PHE A 220 -10.49 -10.37 12.74
CA PHE A 220 -11.90 -9.94 12.80
C PHE A 220 -12.04 -8.82 13.82
N LEU A 221 -11.57 -9.07 15.03
CA LEU A 221 -11.65 -8.13 16.18
C LEU A 221 -10.92 -6.81 15.85
N GLU A 222 -9.81 -6.88 15.11
CA GLU A 222 -9.13 -5.64 14.63
C GLU A 222 -10.08 -4.93 13.64
N PHE A 223 -10.71 -5.66 12.71
CA PHE A 223 -11.55 -5.07 11.64
C PHE A 223 -12.80 -4.45 12.26
N GLU A 224 -13.40 -5.15 13.23
CA GLU A 224 -14.61 -4.68 13.94
C GLU A 224 -14.34 -3.32 14.60
N ALA A 225 -13.17 -3.15 15.21
CA ALA A 225 -12.88 -1.96 16.02
C ALA A 225 -12.35 -0.80 15.17
N LEU A 226 -11.56 -1.07 14.12
CA LEU A 226 -10.75 -0.03 13.41
C LEU A 226 -10.95 -0.07 11.89
N GLY A 227 -11.79 -0.99 11.38
CA GLY A 227 -12.06 -1.09 9.94
C GLY A 227 -12.74 0.13 9.37
N PHE A 228 -13.45 0.87 10.22
CA PHE A 228 -14.14 2.10 9.80
C PHE A 228 -13.17 3.08 9.12
N LEU A 229 -11.93 3.13 9.57
CA LEU A 229 -10.96 4.09 8.96
C LEU A 229 -10.87 3.87 7.46
N ASN A 230 -10.83 2.62 7.03
CA ASN A 230 -10.76 2.29 5.58
C ASN A 230 -12.17 2.18 4.97
N GLU A 231 -13.07 1.47 5.63
CA GLU A 231 -14.42 1.18 5.06
C GLU A 231 -15.17 2.51 4.79
N ASP A 232 -14.99 3.53 5.63
CA ASP A 232 -15.71 4.83 5.53
C ASP A 232 -14.77 5.97 5.08
N HIS A 233 -13.61 5.61 4.54
CA HIS A 233 -12.74 6.51 3.73
C HIS A 233 -12.30 7.73 4.55
N TRP A 234 -11.79 7.53 5.75
CA TRP A 234 -11.27 8.62 6.62
C TRP A 234 -10.07 9.35 5.97
N PHE A 235 -9.31 8.64 5.15
CA PHE A 235 -8.11 9.17 4.45
C PHE A 235 -8.37 9.43 2.96
N SER A 236 -9.63 9.52 2.50
CA SER A 236 -9.94 10.12 1.17
C SER A 236 -9.34 11.54 1.11
N ARG A 237 -9.07 12.07 -0.08
CA ARG A 237 -8.59 13.46 -0.22
C ARG A 237 -9.66 14.47 0.23
N GLU A 238 -10.95 14.21 -0.02
CA GLU A 238 -12.07 15.10 0.39
C GLU A 238 -12.05 15.24 1.92
N ASN A 239 -11.89 14.14 2.63
CA ASN A 239 -11.99 14.16 4.10
C ASN A 239 -10.69 14.59 4.79
N SER A 240 -9.51 14.17 4.31
CA SER A 240 -8.22 14.34 5.05
C SER A 240 -7.32 15.45 4.45
N LEU A 241 -7.62 15.93 3.24
CA LEU A 241 -6.95 17.00 2.45
C LEU A 241 -5.56 16.55 1.97
N SER A 242 -4.79 15.84 2.79
CA SER A 242 -3.46 15.29 2.40
C SER A 242 -3.58 13.90 1.80
N GLY A 243 -4.60 13.13 2.20
CA GLY A 243 -4.69 11.71 1.86
C GLY A 243 -5.04 11.50 0.39
N VAL A 244 -4.90 10.26 -0.08
CA VAL A 244 -5.21 9.82 -1.45
C VAL A 244 -5.90 8.45 -1.38
N GLU A 245 -6.44 8.06 -0.24
CA GLU A 245 -7.08 6.70 -0.13
C GLU A 245 -8.27 6.63 -1.09
N GLY A 246 -8.35 5.58 -1.90
CA GLY A 246 -9.46 5.42 -2.86
C GLY A 246 -9.30 6.25 -4.12
N GLU A 247 -8.21 7.01 -4.31
CA GLU A 247 -8.17 8.00 -5.42
C GLU A 247 -7.95 7.27 -6.75
N GLY A 248 -7.02 6.32 -6.83
CA GLY A 248 -6.75 5.63 -8.11
C GLY A 248 -5.52 6.22 -8.82
N LEU A 249 -4.74 5.38 -9.48
N LEU A 249 -4.71 5.37 -9.45
CA LEU A 249 -3.46 5.78 -10.09
CA LEU A 249 -3.45 5.75 -10.13
C LEU A 249 -3.69 6.82 -11.20
C LEU A 249 -3.72 6.87 -11.13
N HIS A 250 -4.88 6.83 -11.82
CA HIS A 250 -5.28 7.82 -12.83
C HIS A 250 -5.56 9.21 -12.25
N LYS A 251 -5.61 9.34 -10.91
CA LYS A 251 -5.88 10.66 -10.29
C LYS A 251 -4.60 11.20 -9.63
N LEU A 252 -3.65 10.35 -9.30
CA LEU A 252 -2.49 10.80 -8.46
C LEU A 252 -1.68 11.86 -9.19
N GLY A 253 -1.50 11.76 -10.52
CA GLY A 253 -0.73 12.80 -11.21
C GLY A 253 -1.48 14.14 -11.23
N TYR A 254 -2.80 14.12 -11.45
CA TYR A 254 -3.61 15.35 -11.38
C TYR A 254 -3.50 15.97 -9.97
N ILE A 255 -3.50 15.15 -8.93
CA ILE A 255 -3.37 15.64 -7.54
C ILE A 255 -1.99 16.30 -7.35
N LEU A 256 -0.92 15.70 -7.84
CA LEU A 256 0.43 16.33 -7.70
C LEU A 256 0.49 17.63 -8.51
N ARG A 257 -0.12 17.68 -9.69
CA ARG A 257 -0.13 18.93 -10.49
C ARG A 257 -0.89 20.02 -9.71
N ASP A 258 -1.96 19.67 -9.02
CA ASP A 258 -2.75 20.66 -8.23
C ASP A 258 -1.89 21.17 -7.06
N VAL A 259 -1.14 20.33 -6.38
CA VAL A 259 -0.21 20.75 -5.30
C VAL A 259 0.86 21.68 -5.91
N SER A 260 1.34 21.41 -7.12
CA SER A 260 2.39 22.21 -7.80
C SER A 260 1.89 23.63 -8.05
N LYS A 261 0.59 23.87 -8.13
CA LYS A 261 0.00 25.20 -8.46
C LYS A 261 0.04 26.15 -7.25
N LYS A 262 0.26 25.62 -6.05
CA LYS A 262 0.37 26.42 -4.82
C LYS A 262 1.63 27.28 -4.94
N GLU A 263 1.59 28.50 -4.43
CA GLU A 263 2.84 29.28 -4.24
C GLU A 263 3.69 28.57 -3.20
N GLY A 264 4.99 28.46 -3.42
CA GLY A 264 5.90 28.04 -2.34
C GLY A 264 7.19 27.51 -2.88
N GLY A 265 7.86 26.64 -2.12
CA GLY A 265 9.22 26.19 -2.46
C GLY A 265 9.20 24.99 -3.38
N ALA A 266 10.27 24.21 -3.34
CA ALA A 266 10.43 22.98 -4.12
C ALA A 266 9.41 21.95 -3.63
N MET A 267 9.22 20.86 -4.39
CA MET A 267 8.39 19.74 -3.91
C MET A 267 9.34 18.72 -3.28
N TYR A 268 9.12 18.36 -2.02
CA TYR A 268 9.97 17.43 -1.27
C TYR A 268 9.30 16.06 -1.22
N ALA A 269 10.10 15.02 -1.40
CA ALA A 269 9.59 13.63 -1.40
C ALA A 269 10.61 12.76 -0.71
N ASP A 270 10.82 12.99 0.58
CA ASP A 270 11.86 12.24 1.34
C ASP A 270 11.27 10.90 1.75
N ASP A 271 11.95 9.80 1.47
CA ASP A 271 11.58 8.46 1.95
C ASP A 271 12.14 8.27 3.37
N THR A 272 11.38 7.66 4.28
CA THR A 272 11.87 7.25 5.63
C THR A 272 12.59 5.92 5.48
N ALA A 273 13.71 5.74 6.17
CA ALA A 273 14.38 4.42 6.32
C ALA A 273 13.56 3.54 7.29
N GLY A 274 12.87 2.53 6.77
CA GLY A 274 12.16 1.50 7.56
C GLY A 274 11.07 2.08 8.44
N TRP A 275 10.12 2.78 7.83
CA TRP A 275 9.05 3.51 8.56
C TRP A 275 8.42 2.65 9.69
N ASP A 276 8.00 1.44 9.40
CA ASP A 276 7.25 0.58 10.36
C ASP A 276 8.11 0.33 11.61
N THR A 277 9.44 0.23 11.47
CA THR A 277 10.36 -0.02 12.61
C THR A 277 10.62 1.28 13.38
N ARG A 278 10.22 2.46 12.86
CA ARG A 278 10.47 3.77 13.51
C ARG A 278 9.24 4.30 14.25
N ILE A 279 8.14 3.54 14.28
CA ILE A 279 6.89 3.94 14.98
C ILE A 279 7.17 3.80 16.49
N THR A 280 7.09 4.89 17.24
CA THR A 280 7.47 4.91 18.68
C THR A 280 6.27 4.55 19.55
N LEU A 281 6.47 4.32 20.85
CA LEU A 281 5.31 4.14 21.75
C LEU A 281 4.52 5.46 21.80
N GLU A 282 5.17 6.60 21.66
CA GLU A 282 4.52 7.95 21.65
C GLU A 282 3.58 8.05 20.42
N ASP A 283 4.06 7.63 19.24
CA ASP A 283 3.21 7.49 18.01
C ASP A 283 1.98 6.60 18.28
N LEU A 284 2.15 5.40 18.86
CA LEU A 284 1.00 4.49 19.13
C LEU A 284 -0.02 5.12 20.09
N LYS A 285 0.42 5.93 21.06
CA LYS A 285 -0.45 6.63 22.05
C LYS A 285 -1.21 7.77 21.37
N ASN A 286 -0.58 8.49 20.44
CA ASN A 286 -1.30 9.55 19.68
C ASN A 286 -2.31 8.92 18.72
N GLU A 287 -1.99 7.79 18.09
CA GLU A 287 -2.94 7.06 17.20
C GLU A 287 -4.17 6.61 18.02
N GLU A 288 -3.96 6.11 19.23
N GLU A 288 -3.94 6.12 19.24
CA GLU A 288 -5.03 5.58 20.13
CA GLU A 288 -4.97 5.60 20.18
C GLU A 288 -6.06 6.67 20.45
C GLU A 288 -6.04 6.67 20.47
N MET A 289 -5.69 7.95 20.36
CA MET A 289 -6.64 9.08 20.65
C MET A 289 -7.84 9.08 19.72
N VAL A 290 -7.85 8.29 18.63
CA VAL A 290 -9.10 8.14 17.83
C VAL A 290 -10.22 7.61 18.77
N THR A 291 -9.89 6.81 19.77
CA THR A 291 -10.88 6.23 20.75
C THR A 291 -11.60 7.33 21.54
N ASN A 292 -11.01 8.53 21.67
CA ASN A 292 -11.66 9.71 22.31
C ASN A 292 -12.93 10.13 21.56
N HIS A 293 -13.14 9.66 20.33
CA HIS A 293 -14.27 10.06 19.44
C HIS A 293 -15.32 8.94 19.39
N MET A 294 -15.10 7.88 20.13
CA MET A 294 -15.98 6.69 20.09
C MET A 294 -16.86 6.70 21.37
N GLU A 295 -17.81 5.78 21.45
CA GLU A 295 -18.66 5.57 22.66
C GLU A 295 -18.98 4.10 22.83
N GLY A 296 -19.50 3.72 24.02
CA GLY A 296 -20.11 2.41 24.26
C GLY A 296 -19.11 1.27 24.13
N GLU A 297 -19.62 0.13 23.63
CA GLU A 297 -18.89 -1.12 23.29
C GLU A 297 -17.70 -0.79 22.36
N HIS A 298 -17.97 -0.10 21.26
CA HIS A 298 -16.95 0.25 20.22
C HIS A 298 -15.74 0.88 20.92
N LYS A 299 -15.95 1.89 21.75
CA LYS A 299 -14.84 2.52 22.50
C LYS A 299 -14.02 1.46 23.23
N LYS A 300 -14.66 0.53 23.93
CA LYS A 300 -13.93 -0.44 24.78
C LYS A 300 -13.20 -1.44 23.88
N LEU A 301 -13.84 -1.88 22.78
CA LEU A 301 -13.27 -2.85 21.81
C LEU A 301 -12.01 -2.26 21.15
N ALA A 302 -12.02 -0.97 20.78
CA ALA A 302 -10.91 -0.24 20.12
C ALA A 302 -9.76 0.01 21.11
N GLU A 303 -10.07 0.39 22.36
CA GLU A 303 -9.04 0.64 23.40
C GLU A 303 -8.27 -0.67 23.67
N ALA A 304 -8.96 -1.81 23.58
CA ALA A 304 -8.39 -3.15 23.78
C ALA A 304 -7.46 -3.52 22.62
N ILE A 305 -7.89 -3.31 21.37
CA ILE A 305 -6.96 -3.52 20.22
C ILE A 305 -5.69 -2.71 20.48
N PHE A 306 -5.77 -1.41 20.78
CA PHE A 306 -4.58 -0.53 20.91
C PHE A 306 -3.71 -0.99 22.10
N LYS A 307 -4.32 -1.19 23.27
CA LYS A 307 -3.60 -1.53 24.55
C LYS A 307 -2.95 -2.92 24.45
N LEU A 308 -3.71 -3.92 24.00
CA LEU A 308 -3.36 -5.35 24.19
C LEU A 308 -2.58 -5.90 22.99
N THR A 309 -2.86 -5.42 21.77
CA THR A 309 -2.25 -5.96 20.53
C THR A 309 -1.27 -4.97 19.89
N TYR A 310 -1.42 -3.65 20.03
CA TYR A 310 -0.54 -2.69 19.30
C TYR A 310 0.56 -2.21 20.23
N GLN A 311 0.24 -1.79 21.46
CA GLN A 311 1.20 -1.21 22.41
C GLN A 311 1.86 -2.31 23.26
N ASN A 312 1.38 -3.55 23.12
CA ASN A 312 1.99 -4.79 23.65
C ASN A 312 1.76 -5.83 22.58
N LYS A 313 2.80 -6.55 22.15
CA LYS A 313 2.67 -7.56 21.08
C LYS A 313 3.37 -8.84 21.52
N VAL A 314 2.87 -9.97 21.05
CA VAL A 314 3.48 -11.32 21.20
C VAL A 314 3.65 -11.83 19.78
N VAL A 315 4.85 -12.30 19.44
CA VAL A 315 5.19 -12.68 18.04
C VAL A 315 5.85 -14.05 18.07
N ARG A 316 5.59 -14.87 17.05
CA ARG A 316 6.31 -16.14 16.84
C ARG A 316 7.10 -16.05 15.52
N VAL A 317 8.37 -16.45 15.56
CA VAL A 317 9.36 -16.27 14.45
C VAL A 317 10.10 -17.59 14.25
N GLN A 318 10.32 -17.99 12.98
CA GLN A 318 11.11 -19.18 12.60
C GLN A 318 12.61 -18.84 12.64
N ARG A 319 13.40 -19.71 13.28
CA ARG A 319 14.89 -19.66 13.34
C ARG A 319 15.46 -21.00 12.86
N PRO A 320 16.38 -21.02 11.86
CA PRO A 320 16.93 -22.29 11.33
C PRO A 320 17.82 -23.10 12.30
N THR A 321 18.24 -22.49 13.41
CA THR A 321 19.09 -23.11 14.47
C THR A 321 18.36 -24.31 15.09
N THR A 325 15.12 -25.95 12.62
CA THR A 325 13.95 -25.02 12.59
C THR A 325 13.23 -25.10 13.95
N VAL A 326 13.20 -23.98 14.70
CA VAL A 326 12.41 -23.85 15.96
C VAL A 326 11.48 -22.63 15.82
N MET A 327 10.66 -22.37 16.85
CA MET A 327 9.75 -21.19 16.95
C MET A 327 10.08 -20.41 18.22
N ASP A 328 10.43 -19.12 18.07
CA ASP A 328 10.71 -18.17 19.18
C ASP A 328 9.46 -17.37 19.51
N ILE A 329 9.24 -17.09 20.80
CA ILE A 329 8.11 -16.28 21.31
C ILE A 329 8.71 -15.03 21.95
N ILE A 330 8.63 -13.91 21.23
CA ILE A 330 9.26 -12.62 21.60
C ILE A 330 8.13 -11.59 21.77
N SER A 331 8.42 -10.50 22.48
CA SER A 331 7.45 -9.41 22.74
C SER A 331 8.16 -8.06 22.62
N ARG A 332 7.41 -7.01 22.25
CA ARG A 332 7.88 -5.60 22.38
C ARG A 332 6.69 -4.65 22.36
N ARG A 333 6.93 -3.42 22.77
CA ARG A 333 5.87 -2.43 23.04
C ARG A 333 5.66 -1.58 21.78
N ASP A 334 6.71 -1.32 21.01
CA ASP A 334 6.65 -0.33 19.90
C ASP A 334 6.84 -1.03 18.55
N GLN A 335 7.05 -0.22 17.49
CA GLN A 335 7.01 -0.60 16.07
C GLN A 335 5.58 -0.87 15.64
N ARG A 336 5.38 -0.85 14.32
CA ARG A 336 4.09 -1.14 13.68
C ARG A 336 4.03 -2.63 13.43
N GLY A 337 2.99 -3.24 13.98
CA GLY A 337 2.50 -4.59 13.69
C GLY A 337 0.99 -4.60 13.88
N SER A 338 0.28 -4.38 12.80
CA SER A 338 -1.21 -4.39 12.69
C SER A 338 -1.51 -5.12 11.40
N GLY A 339 -2.78 -5.37 11.10
CA GLY A 339 -3.19 -5.76 9.74
C GLY A 339 -2.73 -4.70 8.75
N GLN A 340 -2.50 -5.07 7.49
CA GLN A 340 -1.89 -4.16 6.50
C GLN A 340 -2.87 -3.01 6.20
N VAL A 341 -4.18 -3.19 6.30
CA VAL A 341 -5.14 -2.09 5.94
C VAL A 341 -5.22 -1.07 7.08
N VAL A 342 -5.31 -1.52 8.34
CA VAL A 342 -5.19 -0.59 9.50
C VAL A 342 -3.80 0.07 9.50
N THR A 343 -2.75 -0.69 9.23
CA THR A 343 -1.37 -0.15 9.13
C THR A 343 -1.37 1.01 8.14
N TYR A 344 -2.04 0.87 6.98
CA TYR A 344 -2.03 1.92 5.96
C TYR A 344 -2.61 3.21 6.57
N GLY A 345 -3.79 3.14 7.22
CA GLY A 345 -4.50 4.36 7.69
C GLY A 345 -3.72 5.02 8.84
N LEU A 346 -3.13 4.24 9.75
CA LEU A 346 -2.42 4.82 10.89
C LEU A 346 -1.06 5.37 10.42
N ASN A 347 -0.42 4.71 9.47
CA ASN A 347 0.80 5.25 8.81
C ASN A 347 0.46 6.60 8.18
N THR A 348 -0.64 6.70 7.43
CA THR A 348 -1.05 7.98 6.79
C THR A 348 -1.27 9.06 7.87
N PHE A 349 -1.96 8.71 8.97
CA PHE A 349 -2.23 9.63 10.08
C PHE A 349 -0.92 10.19 10.66
N THR A 350 0.01 9.30 11.01
CA THR A 350 1.25 9.66 11.74
C THR A 350 2.21 10.39 10.78
N ASN A 351 2.15 10.08 9.49
CA ASN A 351 2.95 10.78 8.46
C ASN A 351 2.36 12.19 8.27
N MET A 352 1.04 12.33 8.25
CA MET A 352 0.43 13.68 8.11
C MET A 352 0.89 14.54 9.30
N GLU A 353 0.87 13.95 10.46
CA GLU A 353 1.24 14.63 11.74
C GLU A 353 2.72 15.07 11.63
N ALA A 354 3.61 14.14 11.31
CA ALA A 354 5.05 14.40 11.22
C ALA A 354 5.34 15.49 10.20
N GLN A 355 4.70 15.46 9.03
CA GLN A 355 4.98 16.46 7.98
C GLN A 355 4.42 17.83 8.36
N LEU A 356 3.28 17.91 9.06
CA LEU A 356 2.78 19.24 9.52
C LEU A 356 3.80 19.82 10.52
N ILE A 357 4.33 19.00 11.39
CA ILE A 357 5.32 19.47 12.41
C ILE A 357 6.58 19.91 11.66
N ARG A 358 7.04 19.15 10.67
CA ARG A 358 8.19 19.61 9.86
C ARG A 358 7.87 20.94 9.21
N GLN A 359 6.67 21.12 8.64
CA GLN A 359 6.28 22.44 8.10
C GLN A 359 6.33 23.50 9.25
N MET A 360 5.82 23.21 10.43
CA MET A 360 5.83 24.24 11.51
C MET A 360 7.31 24.62 11.79
N GLU A 361 8.20 23.64 11.85
CA GLU A 361 9.63 23.93 12.12
C GLU A 361 10.17 24.85 11.05
N GLY A 362 9.90 24.61 9.76
CA GLY A 362 10.46 25.45 8.71
C GLY A 362 9.92 26.89 8.80
N GLU A 363 8.69 27.04 9.27
CA GLU A 363 8.01 28.37 9.30
C GLU A 363 8.39 29.11 10.60
N GLY A 364 9.14 28.49 11.49
CA GLY A 364 9.59 29.17 12.74
C GLY A 364 8.52 29.20 13.83
N VAL A 365 7.58 28.25 13.85
CA VAL A 365 6.43 28.34 14.79
C VAL A 365 6.92 28.03 16.21
N PHE A 366 7.91 27.15 16.33
CA PHE A 366 8.61 26.78 17.59
C PHE A 366 10.12 26.82 17.31
N LYS A 367 10.94 27.02 18.35
CA LYS A 367 12.39 27.31 18.20
C LYS A 367 13.23 26.07 18.56
N SER A 368 12.72 25.18 19.40
CA SER A 368 13.51 24.06 19.97
C SER A 368 12.62 22.91 20.40
N ILE A 369 13.06 21.69 20.14
CA ILE A 369 12.34 20.42 20.44
C ILE A 369 12.57 20.06 21.92
N GLN A 370 13.52 20.74 22.56
CA GLN A 370 13.91 20.43 23.97
C GLN A 370 12.67 20.67 24.83
N HIS A 371 11.97 21.76 24.57
CA HIS A 371 10.88 22.25 25.45
C HIS A 371 10.03 23.24 24.65
N LEU A 372 8.71 23.00 24.66
CA LEU A 372 7.69 23.92 24.12
C LEU A 372 7.26 24.78 25.30
N THR A 373 7.45 26.10 25.20
CA THR A 373 7.06 27.10 26.22
C THR A 373 5.54 27.22 26.17
N VAL A 374 4.96 27.91 27.15
CA VAL A 374 3.49 28.07 27.27
C VAL A 374 2.98 28.81 26.03
N THR A 375 3.71 29.86 25.60
CA THR A 375 3.32 30.76 24.49
C THR A 375 3.62 30.10 23.12
N GLU A 376 4.53 29.14 23.04
CA GLU A 376 4.77 28.38 21.78
C GLU A 376 3.58 27.44 21.60
N GLU A 377 3.10 26.78 22.67
CA GLU A 377 1.91 25.89 22.62
C GLU A 377 0.78 26.64 21.93
N ILE A 378 0.47 27.85 22.43
CA ILE A 378 -0.66 28.68 21.91
C ILE A 378 -0.36 29.06 20.46
N ALA A 379 0.88 29.36 20.12
CA ALA A 379 1.34 29.66 18.74
C ALA A 379 1.07 28.44 17.82
N VAL A 380 1.42 27.23 18.27
CA VAL A 380 1.22 25.97 17.54
C VAL A 380 -0.29 25.72 17.39
N LYS A 381 -1.06 25.83 18.48
CA LYS A 381 -2.54 25.62 18.42
C LYS A 381 -3.14 26.61 17.40
N ASN A 382 -2.64 27.84 17.44
CA ASN A 382 -3.19 28.96 16.62
C ASN A 382 -2.85 28.78 15.14
N TRP A 383 -1.63 28.32 14.86
CA TRP A 383 -1.19 27.97 13.47
C TRP A 383 -2.15 26.90 12.90
N LEU A 384 -2.39 25.82 13.66
CA LEU A 384 -3.31 24.72 13.24
C LEU A 384 -4.70 25.26 12.89
N VAL A 385 -5.31 26.06 13.77
CA VAL A 385 -6.67 26.64 13.57
C VAL A 385 -6.63 27.57 12.36
N ARG A 386 -5.60 28.43 12.25
CA ARG A 386 -5.52 29.46 11.18
C ARG A 386 -5.15 28.84 9.81
N VAL A 387 -4.13 27.97 9.73
CA VAL A 387 -3.63 27.55 8.38
C VAL A 387 -3.50 26.03 8.26
N GLY A 388 -3.84 25.26 9.29
CA GLY A 388 -3.66 23.78 9.32
C GLY A 388 -4.24 23.12 8.08
N ARG A 389 -5.49 23.44 7.73
CA ARG A 389 -6.18 22.85 6.55
C ARG A 389 -5.45 23.24 5.25
N GLU A 390 -4.98 24.50 5.12
CA GLU A 390 -4.20 24.92 3.92
C GLU A 390 -2.90 24.09 3.83
N ARG A 391 -2.24 23.87 4.97
CA ARG A 391 -0.92 23.18 5.02
C ARG A 391 -1.13 21.68 4.69
N LEU A 392 -2.27 21.09 5.08
CA LEU A 392 -2.57 19.68 4.71
C LEU A 392 -2.74 19.58 3.19
N SER A 393 -3.35 20.58 2.56
CA SER A 393 -3.64 20.57 1.11
C SER A 393 -2.34 20.71 0.31
N ARG A 394 -1.22 21.05 0.96
CA ARG A 394 0.11 21.18 0.30
C ARG A 394 0.78 19.81 0.25
N MET A 395 0.11 18.75 0.70
CA MET A 395 0.73 17.41 0.79
C MET A 395 -0.11 16.36 0.04
N ALA A 396 0.57 15.33 -0.42
CA ALA A 396 0.00 14.06 -0.89
C ALA A 396 0.69 12.94 -0.10
N ILE A 397 -0.10 12.22 0.69
CA ILE A 397 0.42 11.24 1.67
C ILE A 397 -0.34 9.93 1.50
N SER A 398 0.43 8.88 1.26
CA SER A 398 -0.02 7.49 1.08
C SER A 398 0.78 6.62 2.04
N GLY A 399 0.25 6.37 3.24
CA GLY A 399 1.03 5.63 4.25
C GLY A 399 2.37 6.32 4.53
N ASP A 400 3.49 5.61 4.41
CA ASP A 400 4.84 6.19 4.68
C ASP A 400 5.33 7.05 3.49
N ASP A 401 4.58 7.15 2.42
CA ASP A 401 5.02 7.89 1.20
C ASP A 401 4.46 9.31 1.22
N CYS A 402 5.29 10.34 1.07
CA CYS A 402 4.78 11.72 1.04
C CYS A 402 5.41 12.55 -0.06
N VAL A 403 4.65 13.54 -0.49
CA VAL A 403 5.10 14.72 -1.29
C VAL A 403 4.57 15.95 -0.55
N VAL A 404 5.46 16.89 -0.32
CA VAL A 404 5.12 18.14 0.43
C VAL A 404 5.61 19.32 -0.41
N LYS A 405 4.74 20.30 -0.67
CA LYS A 405 5.14 21.63 -1.24
C LYS A 405 4.97 22.68 -0.14
N PRO A 406 6.04 22.89 0.67
CA PRO A 406 5.97 23.84 1.78
C PRO A 406 5.90 25.30 1.34
N LEU A 407 5.61 26.17 2.30
CA LEU A 407 5.51 27.63 2.06
C LEU A 407 6.82 28.16 1.40
N ASP A 408 7.97 27.62 1.74
CA ASP A 408 9.28 28.07 1.16
C ASP A 408 10.31 26.98 1.43
N ASP A 409 11.58 27.20 1.07
CA ASP A 409 12.62 26.14 1.16
C ASP A 409 13.31 26.09 2.52
N ARG A 410 12.88 26.84 3.54
CA ARG A 410 13.41 26.63 4.92
C ARG A 410 13.13 25.19 5.38
N PHE A 411 12.02 24.61 4.89
CA PHE A 411 11.64 23.19 5.10
C PHE A 411 12.81 22.24 4.89
N ALA A 412 13.62 22.44 3.82
CA ALA A 412 14.72 21.55 3.43
C ALA A 412 15.67 21.26 4.61
N SER A 413 15.96 22.27 5.43
CA SER A 413 16.95 22.15 6.53
C SER A 413 16.24 22.10 7.89
N ALA A 414 14.92 21.95 7.91
CA ALA A 414 14.14 21.85 9.18
C ALA A 414 14.06 20.36 9.56
N LEU A 415 15.05 19.87 10.30
CA LEU A 415 15.29 18.42 10.49
C LEU A 415 15.24 18.02 11.97
N THR A 416 15.18 18.95 12.93
CA THR A 416 15.33 18.54 14.35
C THR A 416 14.13 17.69 14.79
N ALA A 417 12.91 18.14 14.53
CA ALA A 417 11.69 17.39 14.95
C ALA A 417 11.63 16.05 14.19
N LEU A 418 11.89 16.06 12.86
CA LEU A 418 11.78 14.86 12.01
C LEU A 418 12.73 13.78 12.54
N ASN A 419 13.98 14.16 12.85
CA ASN A 419 15.00 13.20 13.35
C ASN A 419 14.62 12.78 14.78
N ASP A 420 14.13 13.68 15.61
CA ASP A 420 13.82 13.38 17.03
C ASP A 420 12.56 12.51 17.14
N MET A 421 11.62 12.60 16.18
CA MET A 421 10.41 11.73 16.15
C MET A 421 10.82 10.34 15.68
N GLY A 422 12.07 10.15 15.21
CA GLY A 422 12.62 8.87 14.73
C GLY A 422 12.42 8.64 13.24
N LYS A 423 11.87 9.61 12.52
CA LYS A 423 11.53 9.46 11.07
C LYS A 423 12.74 9.89 10.22
N VAL A 424 13.86 9.19 10.41
CA VAL A 424 15.18 9.44 9.75
C VAL A 424 15.04 9.14 8.26
N ARG A 425 15.48 10.09 7.43
CA ARG A 425 15.41 10.00 5.95
C ARG A 425 16.38 8.92 5.48
N LYS A 426 15.98 8.22 4.42
CA LYS A 426 16.74 7.18 3.68
C LYS A 426 17.81 7.85 2.79
N ASP A 427 19.03 7.32 2.71
CA ASP A 427 20.01 7.63 1.62
C ASP A 427 20.42 9.12 1.63
N ILE A 428 20.60 9.68 2.83
CA ILE A 428 21.09 11.08 3.06
C ILE A 428 21.61 11.13 4.49
N GLN A 429 22.68 11.88 4.75
CA GLN A 429 23.24 12.05 6.13
C GLN A 429 22.23 12.85 6.95
N GLN A 430 22.23 12.60 8.25
CA GLN A 430 21.16 13.00 9.17
C GLN A 430 20.90 14.50 9.10
N TRP A 431 21.94 15.33 8.89
CA TRP A 431 21.80 16.81 9.02
C TRP A 431 22.00 17.49 7.67
N GLU A 432 22.10 16.72 6.59
CA GLU A 432 22.23 17.25 5.21
C GLU A 432 20.83 17.69 4.78
N PRO A 433 20.69 18.91 4.24
CA PRO A 433 19.38 19.43 3.85
C PRO A 433 18.77 18.60 2.73
N SER A 434 17.44 18.42 2.75
CA SER A 434 16.72 17.66 1.70
C SER A 434 16.96 18.32 0.36
N ARG A 435 17.06 17.54 -0.72
CA ARG A 435 17.02 18.08 -2.10
C ARG A 435 15.57 17.99 -2.60
N GLY A 436 15.02 19.09 -3.08
CA GLY A 436 13.65 19.16 -3.57
C GLY A 436 13.62 19.02 -5.08
N TRP A 437 12.41 18.87 -5.61
CA TRP A 437 12.11 18.76 -7.05
C TRP A 437 11.54 20.08 -7.54
N ASN A 438 12.01 20.56 -8.69
CA ASN A 438 11.51 21.82 -9.28
C ASN A 438 10.35 21.52 -10.22
N ASP A 439 10.12 20.28 -10.61
CA ASP A 439 9.12 19.99 -11.67
C ASP A 439 8.26 18.81 -11.19
N TRP A 440 6.96 19.02 -11.06
CA TRP A 440 6.02 18.00 -10.54
C TRP A 440 6.08 16.71 -11.40
N THR A 441 6.48 16.81 -12.66
CA THR A 441 6.58 15.64 -13.58
C THR A 441 7.80 14.75 -13.25
N GLN A 442 8.69 15.20 -12.37
CA GLN A 442 9.91 14.45 -11.96
C GLN A 442 9.78 13.88 -10.54
N VAL A 443 8.78 14.33 -9.78
CA VAL A 443 8.59 13.90 -8.36
C VAL A 443 8.21 12.43 -8.32
N PRO A 444 8.89 11.58 -7.50
CA PRO A 444 8.42 10.22 -7.29
C PRO A 444 7.24 10.14 -6.31
N PHE A 445 6.23 9.32 -6.55
CA PHE A 445 5.15 9.07 -5.56
C PHE A 445 4.49 7.72 -5.85
N CYS A 446 4.33 6.86 -4.84
CA CYS A 446 3.62 5.54 -4.99
C CYS A 446 4.26 4.73 -6.14
N SER A 447 5.60 4.78 -6.23
CA SER A 447 6.48 4.00 -7.14
C SER A 447 6.34 4.51 -8.59
N HIS A 448 5.75 5.68 -8.82
CA HIS A 448 5.49 6.23 -10.18
C HIS A 448 6.09 7.64 -10.32
N HIS A 449 6.19 8.09 -11.57
CA HIS A 449 6.21 9.52 -11.92
C HIS A 449 5.06 9.76 -12.88
N PHE A 450 4.85 11.01 -13.26
CA PHE A 450 3.64 11.41 -13.99
C PHE A 450 4.00 12.31 -15.17
N HIS A 451 3.40 12.05 -16.32
CA HIS A 451 3.64 12.79 -17.59
C HIS A 451 2.41 13.62 -17.92
N GLU A 452 2.61 14.80 -18.50
CA GLU A 452 1.52 15.62 -19.10
C GLU A 452 1.45 15.24 -20.60
N LEU A 453 0.34 14.73 -21.06
CA LEU A 453 0.28 14.16 -22.44
C LEU A 453 -0.86 14.85 -23.18
N ILE A 454 -0.58 15.45 -24.34
CA ILE A 454 -1.61 16.30 -25.03
C ILE A 454 -2.21 15.49 -26.17
N MET A 455 -3.51 15.30 -26.13
CA MET A 455 -4.26 14.56 -27.18
C MET A 455 -4.27 15.41 -28.45
N LYS A 456 -4.33 14.75 -29.61
N LYS A 456 -4.34 14.74 -29.60
CA LYS A 456 -4.37 15.42 -30.94
CA LYS A 456 -4.37 15.41 -30.94
C LYS A 456 -5.46 16.50 -30.93
C LYS A 456 -5.46 16.50 -30.92
N ASP A 457 -6.54 16.29 -30.16
CA ASP A 457 -7.67 17.26 -30.07
C ASP A 457 -7.44 18.35 -29.02
N GLY A 458 -6.24 18.49 -28.43
CA GLY A 458 -5.91 19.60 -27.51
C GLY A 458 -6.16 19.28 -26.03
N ARG A 459 -6.89 18.22 -25.68
CA ARG A 459 -7.25 17.97 -24.26
C ARG A 459 -6.02 17.35 -23.56
N VAL A 460 -5.92 17.55 -22.25
CA VAL A 460 -4.71 17.20 -21.46
C VAL A 460 -4.95 15.98 -20.58
N LEU A 461 -4.08 14.96 -20.73
CA LEU A 461 -4.08 13.77 -19.83
C LEU A 461 -2.85 13.87 -18.91
N VAL A 462 -3.03 13.58 -17.63
CA VAL A 462 -1.89 13.43 -16.70
C VAL A 462 -1.83 11.96 -16.35
N VAL A 463 -0.79 11.28 -16.85
CA VAL A 463 -0.73 9.80 -16.87
C VAL A 463 0.35 9.28 -15.94
N PRO A 464 0.10 8.11 -15.32
CA PRO A 464 1.08 7.41 -14.50
C PRO A 464 2.12 6.64 -15.31
N CYS A 465 3.34 6.54 -14.80
CA CYS A 465 4.46 5.90 -15.54
C CYS A 465 5.48 5.35 -14.56
N ARG A 466 6.17 4.28 -14.94
CA ARG A 466 7.38 3.84 -14.24
C ARG A 466 8.20 3.04 -15.25
N ASN A 467 9.45 2.78 -14.88
CA ASN A 467 10.37 2.09 -15.82
C ASN A 467 9.64 0.82 -16.35
N GLN A 468 9.66 0.60 -17.65
CA GLN A 468 8.81 -0.46 -18.27
C GLN A 468 9.35 -1.85 -17.90
N ASP A 469 10.63 -1.98 -17.58
CA ASP A 469 11.18 -3.30 -17.14
C ASP A 469 10.46 -3.75 -15.86
N GLU A 470 10.15 -2.82 -14.96
CA GLU A 470 9.46 -3.13 -13.69
C GLU A 470 8.03 -3.61 -14.00
N LEU A 471 7.35 -2.96 -14.95
CA LEU A 471 5.96 -3.35 -15.28
C LEU A 471 5.93 -4.76 -15.91
N ILE A 472 6.79 -4.99 -16.90
CA ILE A 472 6.81 -6.31 -17.59
C ILE A 472 7.28 -7.41 -16.63
N GLY A 473 8.29 -7.14 -15.83
CA GLY A 473 8.82 -8.13 -14.88
C GLY A 473 7.76 -8.52 -13.84
N ARG A 474 6.94 -7.57 -13.39
CA ARG A 474 5.89 -7.89 -12.38
C ARG A 474 4.77 -8.71 -13.02
N ALA A 475 4.36 -8.40 -14.25
CA ALA A 475 3.24 -9.11 -14.94
C ALA A 475 3.66 -10.56 -15.27
N ARG A 476 4.98 -10.85 -15.31
CA ARG A 476 5.49 -12.23 -15.62
C ARG A 476 5.50 -13.10 -14.37
N ILE A 477 5.07 -12.57 -13.22
CA ILE A 477 5.16 -13.34 -11.96
C ILE A 477 3.78 -13.59 -11.37
N SER A 478 3.62 -14.77 -10.76
N SER A 478 3.60 -14.76 -10.76
CA SER A 478 2.45 -15.18 -9.96
CA SER A 478 2.41 -15.11 -9.93
C SER A 478 2.94 -15.64 -8.57
C SER A 478 2.88 -15.78 -8.63
N GLN A 479 2.01 -15.78 -7.62
CA GLN A 479 2.31 -16.30 -6.26
C GLN A 479 1.38 -17.48 -6.03
N GLY A 480 1.84 -18.52 -5.33
CA GLY A 480 0.99 -19.64 -4.88
C GLY A 480 0.93 -20.82 -5.85
N ALA A 481 0.29 -21.90 -5.42
CA ALA A 481 0.26 -23.22 -6.07
C ALA A 481 -1.12 -23.47 -6.72
N GLY A 482 -1.18 -24.51 -7.56
CA GLY A 482 -2.45 -25.06 -8.12
C GLY A 482 -3.06 -24.13 -9.15
N TRP A 483 -2.27 -23.31 -9.84
CA TRP A 483 -2.83 -22.47 -10.94
C TRP A 483 -3.12 -23.37 -12.15
N SER A 484 -4.38 -23.45 -12.54
CA SER A 484 -4.78 -23.98 -13.87
C SER A 484 -4.24 -23.08 -14.97
N LEU A 485 -4.27 -23.55 -16.23
CA LEU A 485 -3.93 -22.71 -17.40
C LEU A 485 -4.95 -21.57 -17.54
N ARG A 486 -6.24 -21.84 -17.30
CA ARG A 486 -7.28 -20.81 -17.36
C ARG A 486 -7.00 -19.74 -16.29
N GLU A 487 -6.71 -20.11 -15.06
CA GLU A 487 -6.47 -19.11 -13.99
C GLU A 487 -5.25 -18.26 -14.37
N THR A 488 -4.21 -18.91 -14.91
CA THR A 488 -2.97 -18.21 -15.32
C THR A 488 -3.30 -17.21 -16.44
N ALA A 489 -4.06 -17.63 -17.45
CA ALA A 489 -4.49 -16.75 -18.55
C ALA A 489 -5.29 -15.57 -18.01
N CYS A 490 -6.20 -15.79 -17.05
CA CYS A 490 -7.09 -14.72 -16.56
C CYS A 490 -6.24 -13.72 -15.75
N LEU A 491 -5.19 -14.15 -15.04
CA LEU A 491 -4.26 -13.21 -14.37
C LEU A 491 -3.49 -12.40 -15.41
N GLY A 492 -3.07 -13.03 -16.50
CA GLY A 492 -2.46 -12.30 -17.61
C GLY A 492 -3.38 -11.23 -18.15
N LYS A 493 -4.68 -11.55 -18.30
CA LYS A 493 -5.68 -10.60 -18.80
C LYS A 493 -5.85 -9.43 -17.83
N SER A 494 -5.81 -9.67 -16.51
CA SER A 494 -5.85 -8.59 -15.50
C SER A 494 -4.69 -7.60 -15.75
N TYR A 495 -3.47 -8.09 -15.92
CA TYR A 495 -2.31 -7.20 -16.20
C TYR A 495 -2.55 -6.45 -17.50
N ALA A 496 -2.95 -7.14 -18.56
CA ALA A 496 -3.19 -6.53 -19.88
C ALA A 496 -4.21 -5.39 -19.77
N GLN A 497 -5.34 -5.62 -19.12
CA GLN A 497 -6.37 -4.56 -19.00
C GLN A 497 -5.88 -3.39 -18.11
N MET A 498 -5.07 -3.65 -17.08
CA MET A 498 -4.43 -2.55 -16.31
C MET A 498 -3.54 -1.74 -17.24
N TRP A 499 -2.76 -2.40 -18.08
CA TRP A 499 -1.86 -1.67 -19.02
C TRP A 499 -2.68 -0.79 -20.00
N SER A 500 -3.77 -1.33 -20.56
N SER A 500 -3.78 -1.32 -20.54
CA SER A 500 -4.65 -0.58 -21.48
CA SER A 500 -4.63 -0.57 -21.50
C SER A 500 -5.17 0.68 -20.79
C SER A 500 -5.24 0.67 -20.81
N LEU A 501 -5.53 0.60 -19.51
CA LEU A 501 -6.14 1.74 -18.79
C LEU A 501 -5.11 2.75 -18.24
N MET A 502 -3.99 2.30 -17.71
CA MET A 502 -3.04 3.16 -16.98
C MET A 502 -1.84 3.49 -17.87
N TYR A 503 -1.40 2.56 -18.73
CA TYR A 503 -0.07 2.66 -19.40
C TYR A 503 -0.20 2.61 -20.94
N PHE A 504 -1.38 3.00 -21.46
CA PHE A 504 -1.72 3.00 -22.89
C PHE A 504 -0.73 3.83 -23.71
N HIS A 505 -0.11 4.79 -23.02
CA HIS A 505 0.85 5.77 -23.58
C HIS A 505 2.24 5.15 -23.82
N ARG A 506 2.48 3.91 -23.39
CA ARG A 506 3.76 3.17 -23.61
C ARG A 506 3.56 2.25 -24.81
N ARG A 507 4.23 2.52 -25.93
CA ARG A 507 4.03 1.72 -27.18
C ARG A 507 4.09 0.21 -26.92
N ASP A 508 5.07 -0.28 -26.17
CA ASP A 508 5.28 -1.74 -26.00
C ASP A 508 4.10 -2.32 -25.20
N LEU A 509 3.61 -1.59 -24.19
CA LEU A 509 2.54 -2.14 -23.30
C LEU A 509 1.21 -2.10 -24.02
N ARG A 510 0.94 -1.10 -24.85
CA ARG A 510 -0.38 -1.10 -25.55
C ARG A 510 -0.39 -2.30 -26.49
N LEU A 511 0.73 -2.56 -27.18
CA LEU A 511 0.85 -3.71 -28.11
C LEU A 511 0.77 -5.03 -27.34
N ALA A 512 1.50 -5.19 -26.25
CA ALA A 512 1.50 -6.45 -25.46
C ALA A 512 0.12 -6.68 -24.83
N ALA A 513 -0.54 -5.62 -24.39
CA ALA A 513 -1.91 -5.72 -23.80
C ALA A 513 -2.88 -6.23 -24.86
N ASN A 514 -2.83 -5.64 -26.05
CA ASN A 514 -3.70 -6.11 -27.17
C ASN A 514 -3.41 -7.58 -27.51
N ALA A 515 -2.15 -7.98 -27.53
CA ALA A 515 -1.74 -9.37 -27.83
C ALA A 515 -2.31 -10.31 -26.75
N ILE A 516 -2.15 -9.98 -25.47
CA ILE A 516 -2.65 -10.87 -24.39
C ILE A 516 -4.18 -10.98 -24.51
N CYS A 517 -4.89 -9.87 -24.71
CA CYS A 517 -6.38 -9.87 -24.79
C CYS A 517 -6.81 -10.66 -26.03
N SER A 518 -6.00 -10.71 -27.07
CA SER A 518 -6.32 -11.47 -28.30
C SER A 518 -6.09 -12.96 -28.05
N ALA A 519 -5.21 -13.31 -27.10
CA ALA A 519 -4.72 -14.69 -26.88
C ALA A 519 -5.57 -15.42 -25.86
N VAL A 520 -6.29 -14.68 -25.02
CA VAL A 520 -7.12 -15.24 -23.94
C VAL A 520 -8.57 -15.20 -24.42
N PRO A 521 -9.36 -16.29 -24.24
CA PRO A 521 -10.75 -16.24 -24.68
C PRO A 521 -11.47 -14.97 -24.20
N SER A 522 -12.22 -14.34 -25.10
N SER A 522 -12.23 -14.35 -25.11
CA SER A 522 -12.84 -13.00 -24.91
CA SER A 522 -12.89 -13.03 -24.95
C SER A 522 -13.75 -12.97 -23.66
C SER A 522 -13.74 -12.98 -23.68
N HIS A 523 -14.48 -14.05 -23.38
CA HIS A 523 -15.46 -14.07 -22.25
C HIS A 523 -14.83 -14.48 -20.93
N TRP A 524 -13.57 -14.90 -20.89
CA TRP A 524 -12.91 -15.30 -19.64
C TRP A 524 -12.67 -14.03 -18.79
N VAL A 525 -12.97 -14.13 -17.49
CA VAL A 525 -13.04 -12.99 -16.55
C VAL A 525 -11.67 -12.79 -15.92
N PRO A 526 -11.11 -11.58 -15.99
CA PRO A 526 -9.85 -11.32 -15.29
C PRO A 526 -9.92 -11.69 -13.81
N THR A 527 -8.84 -12.28 -13.29
CA THR A 527 -8.77 -12.81 -11.92
C THR A 527 -7.46 -12.37 -11.26
N SER A 528 -7.48 -12.32 -9.93
CA SER A 528 -6.31 -12.10 -9.06
C SER A 528 -6.53 -12.89 -7.75
N ARG A 529 -5.47 -13.37 -7.10
CA ARG A 529 -5.56 -13.96 -5.73
C ARG A 529 -5.44 -12.87 -4.65
N THR A 530 -4.72 -11.75 -4.90
CA THR A 530 -4.62 -10.57 -3.98
C THR A 530 -5.09 -9.30 -4.70
N THR A 531 -5.99 -8.52 -4.08
CA THR A 531 -6.59 -7.26 -4.63
C THR A 531 -6.16 -6.08 -3.75
N ALA A 536 -5.74 1.57 -3.98
CA ALA A 536 -6.09 1.92 -5.37
C ALA A 536 -7.46 1.32 -5.75
N THR A 537 -8.07 1.85 -6.82
CA THR A 537 -9.34 1.37 -7.44
C THR A 537 -8.93 0.50 -8.63
N HIS A 538 -9.70 -0.56 -8.91
N HIS A 538 -9.71 -0.56 -8.90
CA HIS A 538 -9.33 -1.63 -9.90
CA HIS A 538 -9.38 -1.65 -9.87
C HIS A 538 -10.33 -1.66 -11.06
C HIS A 538 -10.36 -1.65 -11.05
N GLU A 539 -10.39 -0.56 -11.82
CA GLU A 539 -11.37 -0.40 -12.95
C GLU A 539 -11.11 -1.39 -14.08
N TRP A 540 -9.89 -1.96 -14.16
CA TRP A 540 -9.56 -2.92 -15.24
C TRP A 540 -10.10 -4.31 -14.92
N MET A 541 -10.65 -4.53 -13.72
CA MET A 541 -11.12 -5.86 -13.33
C MET A 541 -12.60 -5.95 -13.76
N THR A 542 -12.84 -6.29 -15.02
CA THR A 542 -14.17 -6.21 -15.69
C THR A 542 -14.11 -6.96 -17.03
N THR A 543 -15.24 -7.42 -17.57
CA THR A 543 -15.33 -7.95 -18.97
C THR A 543 -15.91 -6.89 -19.93
N GLU A 544 -16.22 -5.69 -19.44
CA GLU A 544 -16.66 -4.58 -20.31
C GLU A 544 -15.52 -4.25 -21.29
N ASP A 545 -15.89 -3.76 -22.47
CA ASP A 545 -14.96 -3.30 -23.53
C ASP A 545 -13.98 -2.26 -22.95
N MET A 546 -12.67 -2.39 -23.16
CA MET A 546 -11.67 -1.48 -22.51
C MET A 546 -11.76 -0.06 -23.08
N LEU A 547 -12.27 0.13 -24.31
CA LEU A 547 -12.42 1.53 -24.82
C LEU A 547 -13.51 2.22 -24.01
N THR A 548 -14.64 1.54 -23.70
CA THR A 548 -15.74 2.08 -22.88
C THR A 548 -15.22 2.43 -21.48
N VAL A 549 -14.43 1.57 -20.89
CA VAL A 549 -13.84 1.81 -19.55
C VAL A 549 -12.88 3.00 -19.64
N TRP A 550 -12.06 3.08 -20.68
CA TRP A 550 -11.08 4.19 -20.83
C TRP A 550 -11.87 5.51 -20.88
N ASN A 551 -12.92 5.57 -21.69
CA ASN A 551 -13.75 6.79 -21.79
C ASN A 551 -14.34 7.17 -20.44
N ARG A 552 -14.86 6.22 -19.67
CA ARG A 552 -15.47 6.50 -18.37
C ARG A 552 -14.41 7.12 -17.44
N VAL A 553 -13.22 6.52 -17.39
CA VAL A 553 -12.18 6.89 -16.39
C VAL A 553 -11.50 8.20 -16.79
N TRP A 554 -11.09 8.35 -18.05
CA TRP A 554 -10.23 9.47 -18.47
C TRP A 554 -11.05 10.66 -18.94
N ILE A 555 -12.33 10.49 -19.32
CA ILE A 555 -13.15 11.59 -19.89
C ILE A 555 -14.34 11.83 -18.98
N GLN A 556 -15.30 10.91 -18.92
CA GLN A 556 -16.64 11.14 -18.31
C GLN A 556 -16.46 11.50 -16.82
N GLU A 557 -15.75 10.67 -16.04
CA GLU A 557 -15.68 10.81 -14.56
C GLU A 557 -14.42 11.58 -14.15
N ASN A 558 -13.66 12.10 -15.10
CA ASN A 558 -12.40 12.81 -14.79
C ASN A 558 -12.71 14.27 -14.46
N PRO A 559 -12.61 14.72 -13.19
CA PRO A 559 -12.99 16.09 -12.85
C PRO A 559 -12.02 17.15 -13.41
N TRP A 560 -10.85 16.75 -13.91
CA TRP A 560 -9.93 17.74 -14.54
C TRP A 560 -10.18 17.90 -16.06
N MET A 561 -11.13 17.16 -16.65
CA MET A 561 -11.45 17.18 -18.11
C MET A 561 -12.80 17.93 -18.29
N GLU A 562 -12.77 19.18 -18.75
CA GLU A 562 -14.02 19.99 -18.93
C GLU A 562 -14.81 19.49 -20.15
N ASP A 563 -14.16 19.21 -21.27
CA ASP A 563 -14.82 18.75 -22.53
C ASP A 563 -15.05 17.24 -22.42
N LYS A 564 -16.30 16.80 -22.39
CA LYS A 564 -16.69 15.39 -22.18
C LYS A 564 -16.91 14.64 -23.51
N THR A 565 -16.41 15.15 -24.62
CA THR A 565 -16.60 14.44 -25.94
C THR A 565 -15.95 13.07 -25.85
N PRO A 566 -16.70 11.95 -26.04
CA PRO A 566 -16.12 10.62 -25.99
C PRO A 566 -15.10 10.40 -27.10
N VAL A 567 -14.12 9.53 -26.81
CA VAL A 567 -13.14 9.07 -27.83
C VAL A 567 -13.77 7.87 -28.56
N GLU A 568 -13.67 7.82 -29.88
CA GLU A 568 -14.40 6.81 -30.72
C GLU A 568 -13.48 5.62 -31.02
N SER A 569 -12.16 5.78 -30.93
CA SER A 569 -11.22 4.67 -31.22
C SER A 569 -9.91 4.85 -30.46
N TRP A 570 -9.19 3.75 -30.33
CA TRP A 570 -7.84 3.75 -29.67
C TRP A 570 -6.87 4.66 -30.44
N GLU A 571 -7.04 4.91 -31.74
CA GLU A 571 -6.07 5.73 -32.52
C GLU A 571 -6.11 7.20 -32.07
N GLU A 572 -7.21 7.66 -31.49
CA GLU A 572 -7.36 9.00 -30.91
C GLU A 572 -6.56 9.14 -29.60
N ILE A 573 -6.13 8.03 -28.99
CA ILE A 573 -5.48 8.05 -27.65
C ILE A 573 -3.97 8.07 -27.89
N PRO A 574 -3.28 9.11 -27.38
CA PRO A 574 -1.88 9.35 -27.71
C PRO A 574 -0.89 8.48 -26.93
N TYR A 575 0.35 8.49 -27.42
CA TYR A 575 1.55 7.91 -26.78
C TYR A 575 2.45 9.05 -26.27
N LEU A 576 3.32 8.74 -25.33
CA LEU A 576 4.47 9.61 -25.01
C LEU A 576 5.21 9.88 -26.32
N GLY A 577 6.04 10.93 -26.40
CA GLY A 577 7.05 11.04 -27.48
C GLY A 577 7.92 9.79 -27.57
N LYS A 578 8.41 9.47 -28.77
CA LYS A 578 9.24 8.26 -29.01
C LYS A 578 10.49 8.29 -28.12
N ARG A 579 11.12 9.46 -27.93
CA ARG A 579 12.37 9.54 -27.14
C ARG A 579 12.04 9.38 -25.64
N GLU A 580 10.94 9.97 -25.19
CA GLU A 580 10.48 9.83 -23.77
C GLU A 580 10.10 8.37 -23.49
N ASP A 581 9.51 7.67 -24.45
CA ASP A 581 9.10 6.25 -24.28
C ASP A 581 10.38 5.44 -24.06
N GLN A 582 11.42 5.71 -24.86
CA GLN A 582 12.73 5.04 -24.76
C GLN A 582 13.36 5.36 -23.40
N TRP A 583 13.36 6.63 -22.99
CA TRP A 583 13.87 7.08 -21.65
C TRP A 583 13.24 6.23 -20.53
N CYS A 584 11.94 5.97 -20.65
CA CYS A 584 11.21 5.22 -19.60
C CYS A 584 11.23 3.71 -19.85
N GLY A 585 12.11 3.18 -20.72
CA GLY A 585 12.49 1.75 -20.86
C GLY A 585 11.91 1.07 -22.10
N SER A 586 11.26 1.77 -23.03
CA SER A 586 10.73 1.18 -24.29
C SER A 586 11.88 0.50 -25.06
N LEU A 587 11.53 -0.60 -25.73
CA LEU A 587 12.44 -1.28 -26.67
C LEU A 587 12.23 -0.83 -28.13
N ILE A 588 11.40 0.19 -28.40
CA ILE A 588 11.25 0.67 -29.80
C ILE A 588 12.64 0.99 -30.36
N GLY A 589 12.85 0.71 -31.65
CA GLY A 589 14.14 0.92 -32.32
C GLY A 589 15.10 -0.25 -32.13
N LEU A 590 14.75 -1.28 -31.36
CA LEU A 590 15.56 -2.53 -31.32
C LEU A 590 15.03 -3.52 -32.36
N THR A 591 15.95 -4.27 -32.97
CA THR A 591 15.63 -5.40 -33.89
C THR A 591 14.72 -6.43 -33.20
N SER A 592 15.06 -6.92 -32.00
CA SER A 592 14.22 -7.85 -31.21
C SER A 592 12.76 -7.35 -31.17
N ARG A 593 12.55 -6.06 -30.90
CA ARG A 593 11.19 -5.51 -30.68
C ARG A 593 10.46 -5.45 -32.04
N ALA A 594 11.16 -5.02 -33.10
CA ALA A 594 10.55 -4.95 -34.45
C ALA A 594 10.08 -6.34 -34.92
N THR A 595 10.86 -7.39 -34.68
CA THR A 595 10.49 -8.75 -35.08
C THR A 595 9.29 -9.22 -34.26
N TRP A 596 9.31 -8.94 -32.96
CA TRP A 596 8.13 -9.25 -32.07
C TRP A 596 6.86 -8.58 -32.61
N ALA A 597 6.89 -7.28 -32.86
CA ALA A 597 5.72 -6.52 -33.33
C ALA A 597 5.24 -7.06 -34.69
N LYS A 598 6.15 -7.26 -35.63
CA LYS A 598 5.80 -7.74 -36.99
C LYS A 598 5.11 -9.10 -36.92
N ASN A 599 5.64 -10.01 -36.10
CA ASN A 599 5.23 -11.44 -36.01
C ASN A 599 4.26 -11.68 -34.85
N ILE A 600 3.57 -10.66 -34.33
CA ILE A 600 2.79 -10.84 -33.06
C ILE A 600 1.65 -11.89 -33.23
N GLN A 601 1.08 -12.03 -34.43
N GLN A 601 1.08 -12.03 -34.43
CA GLN A 601 -0.04 -12.98 -34.67
CA GLN A 601 -0.04 -12.98 -34.65
C GLN A 601 0.45 -14.42 -34.45
C GLN A 601 0.45 -14.42 -34.46
N THR A 602 1.72 -14.70 -34.78
CA THR A 602 2.36 -16.02 -34.53
C THR A 602 2.44 -16.31 -33.02
N ALA A 603 2.77 -15.31 -32.21
CA ALA A 603 2.86 -15.45 -30.74
C ALA A 603 1.47 -15.67 -30.18
N ILE A 604 0.53 -14.84 -30.62
CA ILE A 604 -0.90 -14.92 -30.20
C ILE A 604 -1.40 -16.35 -30.52
N ASN A 605 -1.07 -16.87 -31.70
CA ASN A 605 -1.56 -18.20 -32.15
C ASN A 605 -0.86 -19.30 -31.34
N GLN A 606 0.39 -19.11 -30.89
CA GLN A 606 1.03 -20.10 -30.02
C GLN A 606 0.22 -20.25 -28.74
N VAL A 607 -0.16 -19.14 -28.11
CA VAL A 607 -0.89 -19.21 -26.83
C VAL A 607 -2.31 -19.77 -27.08
N ARG A 608 -2.99 -19.33 -28.15
CA ARG A 608 -4.35 -19.89 -28.47
C ARG A 608 -4.28 -21.41 -28.66
N SER A 609 -3.25 -21.92 -29.32
CA SER A 609 -3.08 -23.38 -29.53
C SER A 609 -2.89 -24.11 -28.18
N LEU A 610 -2.24 -23.49 -27.20
CA LEU A 610 -2.06 -24.13 -25.89
C LEU A 610 -3.39 -24.16 -25.11
N ILE A 611 -4.14 -23.07 -25.14
CA ILE A 611 -5.40 -22.95 -24.37
C ILE A 611 -6.46 -23.83 -25.05
N GLY A 612 -6.46 -23.83 -26.38
CA GLY A 612 -7.30 -24.74 -27.21
C GLY A 612 -8.44 -24.02 -27.94
N ASN A 613 -9.46 -24.78 -28.35
CA ASN A 613 -10.53 -24.31 -29.26
C ASN A 613 -11.60 -23.56 -28.43
N GLU A 614 -11.45 -22.26 -28.31
CA GLU A 614 -12.25 -21.36 -27.44
C GLU A 614 -12.65 -20.21 -28.36
N GLU A 615 -13.47 -19.30 -27.89
CA GLU A 615 -13.85 -18.13 -28.72
C GLU A 615 -12.86 -17.02 -28.35
N TYR A 616 -12.15 -16.50 -29.36
CA TYR A 616 -11.15 -15.40 -29.24
C TYR A 616 -11.59 -14.24 -30.11
N THR A 617 -11.14 -13.03 -29.77
CA THR A 617 -11.29 -11.77 -30.54
C THR A 617 -9.88 -11.30 -30.96
N ASP A 618 -9.72 -10.79 -32.17
CA ASP A 618 -8.45 -10.13 -32.58
C ASP A 618 -8.55 -8.64 -32.21
N TYR A 619 -7.79 -8.19 -31.19
CA TYR A 619 -7.73 -6.76 -30.84
C TYR A 619 -6.59 -6.02 -31.58
N MET A 620 -5.70 -6.70 -32.33
CA MET A 620 -4.53 -5.98 -32.94
C MET A 620 -4.96 -4.88 -33.94
N PRO A 621 -5.99 -5.04 -34.81
CA PRO A 621 -6.42 -3.95 -35.71
C PRO A 621 -6.93 -2.64 -35.08
N SER A 622 -7.11 -2.58 -33.74
CA SER A 622 -7.34 -1.33 -32.95
C SER A 622 -6.08 -0.44 -33.01
N MET A 623 -4.95 -0.97 -33.46
CA MET A 623 -3.68 -0.22 -33.65
C MET A 623 -3.46 0.06 -35.15
N LYS A 624 -3.05 1.28 -35.50
CA LYS A 624 -2.86 1.74 -36.92
C LYS A 624 -2.07 0.69 -37.73
N ARG A 625 -0.95 0.18 -37.19
CA ARG A 625 0.03 -0.63 -37.97
C ARG A 625 -0.57 -1.99 -38.39
N PHE A 626 -1.55 -2.53 -37.66
CA PHE A 626 -2.19 -3.86 -37.94
C PHE A 626 -3.54 -3.65 -38.65
N ARG A 627 -3.95 -2.39 -38.79
CA ARG A 627 -5.21 -2.02 -39.48
C ARG A 627 -4.88 -2.01 -40.98
N ARG A 628 -4.70 -3.21 -41.56
CA ARG A 628 -4.44 -3.48 -43.01
C ARG A 628 -3.03 -3.01 -43.40
ZN ZN B . 7.80 7.84 -17.74
ZN ZN C . -6.92 -10.75 21.98
O1 MES D . 1.17 -24.07 -20.19
O1 MES D . 1.36 -23.85 -20.08
C2 MES D . 2.31 -24.85 -20.52
C2 MES D . 2.56 -24.47 -20.52
C3 MES D . 3.57 -24.21 -19.98
C3 MES D . 3.73 -23.53 -20.41
N4 MES D . 3.74 -22.86 -20.60
N4 MES D . 3.46 -22.30 -21.25
C5 MES D . 2.51 -22.05 -20.40
C5 MES D . 2.18 -21.69 -20.79
C6 MES D . 1.26 -22.80 -20.81
C6 MES D . 1.07 -22.71 -20.87
C7 MES D . 4.95 -22.14 -20.06
C7 MES D . 4.59 -21.32 -21.19
C8 MES D . 5.43 -21.03 -20.98
C8 MES D . 5.54 -21.55 -20.03
S MES D . 6.94 -20.26 -20.40
S MES D . 7.08 -20.68 -20.24
O1S MES D . 7.97 -21.19 -20.60
O1S MES D . 7.26 -20.52 -21.66
O2S MES D . 7.03 -19.05 -21.20
O2S MES D . 6.94 -19.42 -19.56
O3S MES D . 6.69 -19.94 -19.01
O3S MES D . 8.09 -21.51 -19.65
S DMS E . -7.88 -4.88 -25.55
O DMS E . -8.33 -3.52 -26.17
C1 DMS E . -9.11 -5.33 -24.38
C2 DMS E . -6.63 -4.40 -24.36
S DMS F . -1.95 7.49 -32.59
O DMS F . -2.50 7.29 -31.19
C1 DMS F . -1.75 5.86 -33.30
C2 DMS F . -0.23 7.91 -32.41
S DMS G . -3.20 -6.91 -11.30
O DMS G . -4.66 -6.82 -10.98
C1 DMS G . -2.45 -5.58 -10.41
C2 DMS G . -3.01 -6.23 -12.90
C1 PEG H . -14.50 -3.27 -11.28
O1 PEG H . -14.79 -1.87 -11.28
C2 PEG H . -14.65 -3.89 -9.93
O2 PEG H . -14.22 -5.26 -9.98
C3 PEG H . -14.49 -5.98 -8.79
C4 PEG H . -13.33 -5.84 -7.83
O4 PEG H . -12.17 -6.53 -8.26
P PO4 I . 8.51 9.46 -1.71
O1 PO4 I . 10.06 9.62 -2.36
O2 PO4 I . 8.40 10.22 -0.20
O3 PO4 I . 7.36 10.17 -2.64
O4 PO4 I . 8.25 8.02 -1.59
C1 PEG J . 19.67 1.74 -17.97
O1 PEG J . 20.73 1.63 -17.03
C2 PEG J . 19.25 0.40 -18.50
O2 PEG J . 20.10 0.01 -19.56
C3 PEG J . 19.93 0.80 -20.73
C4 PEG J . 18.54 0.64 -21.25
O4 PEG J . 18.51 0.39 -22.65
P PO4 K . -9.28 7.30 26.75
O1 PO4 K . -7.81 6.82 26.74
O2 PO4 K . -9.34 8.83 26.88
O3 PO4 K . -9.98 6.89 25.41
O4 PO4 K . -10.01 6.64 27.97
C1 PEG L . -10.40 18.08 -7.59
O1 PEG L . -11.52 17.28 -7.91
C2 PEG L . -10.46 19.42 -8.25
O2 PEG L . -10.82 19.25 -9.61
C3 PEG L . -11.40 20.41 -10.20
C4 PEG L . -10.40 21.08 -11.09
O4 PEG L . -10.88 21.24 -12.41
N1 A1BDK M . -10.07 -20.16 -8.62
C4 A1BDK M . -12.10 -21.50 -13.92
C5 A1BDK M . -13.39 -21.89 -14.24
C6 A1BDK M . -10.76 -21.13 -10.78
C7 A1BDK M . -10.09 -21.37 -9.44
C8 A1BDK M . -10.98 -19.10 -9.13
N A1BDK M . -10.27 -19.87 -11.35
C A1BDK M . -14.38 -20.93 -14.22
O A1BDK M . -9.33 -20.72 -13.46
C1 A1BDK M . -14.16 -19.63 -13.90
C2 A1BDK M . -12.87 -19.25 -13.56
C3 A1BDK M . -11.86 -20.20 -13.55
C9 A1BDK M . -10.68 -18.69 -10.56
F A1BDK M . -15.64 -21.30 -14.58
O1 A1BDK M . -10.06 -18.36 -13.30
S A1BDK M . -10.25 -19.74 -12.99
N1 A1BDK N . 19.94 7.77 -31.66
C4 A1BDK N . 14.09 6.59 -30.25
C5 A1BDK N . 13.22 5.57 -30.58
C6 A1BDK N . 17.88 8.93 -32.27
C7 A1BDK N . 19.04 8.11 -32.77
C8 A1BDK N . 19.22 6.99 -30.66
N A1BDK N . 17.16 8.19 -31.21
C A1BDK N . 12.81 5.47 -31.89
O A1BDK N . 15.41 9.86 -31.65
C1 A1BDK N . 13.20 6.34 -32.87
C2 A1BDK N . 14.08 7.36 -32.54
C3 A1BDK N . 14.52 7.47 -31.23
C9 A1BDK N . 18.06 7.80 -30.10
F A1BDK N . 11.99 4.44 -32.22
O1 A1BDK N . 15.66 8.90 -29.39
S A1BDK N . 15.68 8.74 -30.81
#